data_9FKX
#
_entry.id   9FKX
#
_cell.length_a   64.55
_cell.length_b   85.049
_cell.length_c   119.483
_cell.angle_alpha   90
_cell.angle_beta   90
_cell.angle_gamma   90
#
_symmetry.space_group_name_H-M   'C 2 2 21'
#
loop_
_entity.id
_entity.type
_entity.pdbx_description
1 polymer Interleukin-17A
2 non-polymer (4~{S})-1-[(~{R})-[2-[(~{S})-[4,4-bis(fluoranyl)cyclohexyl]-[[5-[1,1-bis(fluoranyl)ethyl]-1,3,4-oxadiazol-2-yl]amino]methyl]imidazo[1,2-b]pyridazin-7-yl]-cyclopropyl-methyl]-4-(trifluoromethyl)imidazolidin-2-one
3 water water
#
_entity_poly.entity_id   1
_entity_poly.type   'polypeptide(L)'
_entity_poly.pdbx_seq_one_letter_code
;MPNSEDKNFPRTVMVNLNIHNRNTNTNPKRSSDYYNRSTSPWNLHRNEDPERYPSVIWEAKCRHLGCINADGNVDYHMNS
VPIQQEILVLRREPPHSPNSFRLEKILVSVGCTCVTPIVHHVA
;
_entity_poly.pdbx_strand_id   A,B
#
# COMPACT_ATOMS: atom_id res chain seq x y z
N PRO A 10 -13.35 -22.90 -10.37
CA PRO A 10 -11.91 -22.59 -10.32
C PRO A 10 -11.42 -21.81 -11.55
N ARG A 11 -10.68 -20.74 -11.32
CA ARG A 11 -10.08 -19.94 -12.39
C ARG A 11 -8.58 -20.15 -12.23
N THR A 12 -8.06 -21.30 -12.70
CA THR A 12 -6.67 -21.64 -12.53
C THR A 12 -5.82 -21.04 -13.65
N VAL A 13 -4.76 -20.33 -13.27
CA VAL A 13 -3.83 -19.70 -14.19
C VAL A 13 -2.40 -20.15 -13.80
N MET A 14 -1.46 -20.00 -14.71
CA MET A 14 -0.06 -20.30 -14.44
C MET A 14 0.64 -19.00 -14.16
N VAL A 15 1.48 -18.98 -13.12
CA VAL A 15 2.24 -17.79 -12.79
C VAL A 15 3.72 -18.12 -12.68
N ASN A 16 4.57 -17.40 -13.40
CA ASN A 16 6.02 -17.56 -13.31
C ASN A 16 6.43 -16.59 -12.17
N LEU A 17 6.93 -17.14 -11.04
CA LEU A 17 7.34 -16.34 -9.89
C LEU A 17 8.68 -15.61 -10.07
N ASN A 18 9.40 -15.77 -11.20
CA ASN A 18 10.66 -15.04 -11.42
C ASN A 18 10.35 -13.63 -11.82
N ILE A 19 10.52 -12.68 -10.88
CA ILE A 19 10.18 -11.28 -11.06
C ILE A 19 10.98 -10.62 -12.18
N HIS A 20 10.28 -9.80 -12.99
CA HIS A 20 10.88 -9.09 -14.12
C HIS A 20 11.53 -7.76 -13.69
N ASN A 21 10.77 -6.91 -12.95
CA ASN A 21 11.18 -5.57 -12.48
C ASN A 21 11.11 -4.54 -13.63
N ASP A 33 13.08 6.58 4.59
CA ASP A 33 14.26 7.41 4.35
C ASP A 33 13.81 8.83 3.93
N TYR A 34 12.98 8.91 2.89
CA TYR A 34 12.41 10.19 2.44
C TYR A 34 11.29 10.62 3.43
N TYR A 35 10.47 9.63 3.78
CA TYR A 35 9.35 9.71 4.69
C TYR A 35 9.77 9.84 6.16
N ASN A 36 11.10 9.92 6.46
CA ASN A 36 11.63 10.16 7.81
C ASN A 36 11.23 11.55 8.29
N ARG A 37 11.02 12.52 7.38
CA ARG A 37 10.61 13.88 7.68
C ARG A 37 9.08 14.04 7.85
N SER A 38 8.33 12.95 7.84
CA SER A 38 6.89 12.93 8.01
C SER A 38 6.52 13.41 9.40
N THR A 39 5.37 14.11 9.51
CA THR A 39 4.83 14.45 10.82
C THR A 39 4.22 13.18 11.48
N SER A 40 4.01 12.09 10.73
CA SER A 40 3.52 10.83 11.26
C SER A 40 4.48 9.77 10.74
N PRO A 41 5.74 9.76 11.27
CA PRO A 41 6.72 8.79 10.78
C PRO A 41 6.40 7.35 11.20
N TRP A 42 6.97 6.39 10.47
CA TRP A 42 6.74 5.00 10.76
C TRP A 42 8.01 4.16 10.62
N ASN A 43 7.99 2.99 11.25
CA ASN A 43 9.03 1.99 11.15
C ASN A 43 8.45 0.75 10.44
N LEU A 44 9.31 -0.16 9.98
CA LEU A 44 8.83 -1.36 9.32
C LEU A 44 8.86 -2.56 10.24
N HIS A 45 7.80 -3.35 10.20
CA HIS A 45 7.63 -4.54 11.02
C HIS A 45 7.53 -5.76 10.11
N ARG A 46 8.32 -6.77 10.39
CA ARG A 46 8.37 -8.03 9.61
C ARG A 46 7.14 -8.91 9.92
N ASN A 47 6.30 -9.20 8.91
CA ASN A 47 5.14 -10.10 9.02
C ASN A 47 5.49 -11.36 8.18
N GLU A 48 5.76 -12.51 8.84
CA GLU A 48 6.16 -13.73 8.17
C GLU A 48 5.12 -14.84 8.26
N ASP A 49 4.84 -15.48 7.12
CA ASP A 49 3.89 -16.57 7.03
C ASP A 49 4.41 -17.55 5.97
N PRO A 50 4.90 -18.73 6.41
CA PRO A 50 5.43 -19.70 5.45
C PRO A 50 4.40 -20.34 4.51
N GLU A 51 3.10 -20.19 4.83
CA GLU A 51 2.01 -20.70 4.01
C GLU A 51 1.51 -19.68 2.98
N ARG A 52 2.18 -18.53 2.87
CA ARG A 52 1.79 -17.43 2.00
C ARG A 52 2.92 -17.03 1.07
N TYR A 53 2.55 -16.48 -0.09
CA TYR A 53 3.47 -15.87 -1.02
C TYR A 53 2.92 -14.43 -1.29
N PRO A 54 3.70 -13.35 -1.05
CA PRO A 54 5.08 -13.33 -0.47
C PRO A 54 5.06 -13.78 0.99
N SER A 55 6.03 -14.60 1.42
CA SER A 55 6.06 -15.03 2.82
C SER A 55 6.38 -13.89 3.77
N VAL A 56 7.24 -12.96 3.33
CA VAL A 56 7.59 -11.81 4.16
C VAL A 56 6.96 -10.56 3.64
N ILE A 57 6.21 -9.88 4.51
CA ILE A 57 5.60 -8.62 4.18
C ILE A 57 6.02 -7.59 5.23
N TRP A 58 6.57 -6.45 4.82
CA TRP A 58 6.97 -5.39 5.74
C TRP A 58 5.82 -4.42 5.91
N GLU A 59 5.31 -4.31 7.13
CA GLU A 59 4.20 -3.43 7.44
C GLU A 59 4.68 -2.18 8.16
N ALA A 60 3.99 -1.09 7.95
CA ALA A 60 4.31 0.15 8.63
C ALA A 60 3.69 0.23 10.04
N LYS A 61 4.47 0.62 11.04
CA LYS A 61 3.97 0.83 12.39
C LYS A 61 4.30 2.28 12.69
N CYS A 62 3.29 3.10 13.01
CA CYS A 62 3.49 4.51 13.36
C CYS A 62 4.43 4.62 14.57
N ARG A 63 5.44 5.50 14.50
CA ARG A 63 6.39 5.64 15.62
C ARG A 63 5.74 6.30 16.84
N HIS A 64 4.75 7.19 16.63
CA HIS A 64 4.12 7.92 17.74
C HIS A 64 2.59 7.88 17.63
N LEU A 65 1.93 8.11 18.77
CA LEU A 65 0.48 8.21 18.87
C LEU A 65 0.06 9.61 18.31
N GLY A 66 0.86 10.64 18.55
CA GLY A 66 0.60 11.98 18.02
C GLY A 66 1.40 12.28 16.76
N CYS A 67 1.34 13.50 16.29
CA CYS A 67 2.09 13.97 15.11
C CYS A 67 3.24 14.91 15.52
N ILE A 68 4.37 14.89 14.80
CA ILE A 68 5.51 15.78 15.08
C ILE A 68 5.22 17.19 14.61
N ASN A 69 5.37 18.16 15.50
CA ASN A 69 5.10 19.55 15.18
C ASN A 69 6.35 20.25 14.57
N ALA A 70 6.29 21.60 14.48
CA ALA A 70 7.36 22.42 13.90
C ALA A 70 8.63 22.41 14.75
N ASP A 71 8.48 22.33 16.06
CA ASP A 71 9.62 22.27 16.98
C ASP A 71 10.30 20.89 17.05
N GLY A 72 9.75 19.89 16.37
CA GLY A 72 10.23 18.51 16.46
C GLY A 72 9.61 17.77 17.64
N ASN A 73 8.59 18.34 18.28
CA ASN A 73 7.94 17.71 19.42
C ASN A 73 6.62 17.05 19.04
N VAL A 74 6.27 16.00 19.79
CA VAL A 74 5.02 15.32 19.55
C VAL A 74 3.86 16.11 20.09
N ASP A 75 2.88 16.33 19.25
CA ASP A 75 1.65 16.98 19.65
C ASP A 75 0.51 15.91 19.64
N TYR A 76 -0.10 15.67 20.80
CA TYR A 76 -1.17 14.68 20.95
C TYR A 76 -2.57 15.18 20.58
N HIS A 77 -2.70 16.43 20.15
CA HIS A 77 -3.98 16.95 19.65
C HIS A 77 -4.33 16.39 18.26
N MET A 78 -3.33 15.83 17.56
CA MET A 78 -3.45 15.15 16.26
C MET A 78 -3.03 13.69 16.45
N ASN A 79 -3.41 12.80 15.53
CA ASN A 79 -3.03 11.40 15.63
C ASN A 79 -2.32 10.87 14.40
N SER A 80 -1.25 10.08 14.60
CA SER A 80 -0.64 9.34 13.50
C SER A 80 -1.47 8.10 13.37
N VAL A 81 -1.92 7.80 12.15
CA VAL A 81 -2.71 6.60 11.92
C VAL A 81 -2.13 5.81 10.79
N PRO A 82 -2.12 4.47 10.92
CA PRO A 82 -1.62 3.66 9.80
C PRO A 82 -2.63 3.69 8.65
N ILE A 83 -2.14 3.74 7.42
CA ILE A 83 -3.00 3.67 6.26
C ILE A 83 -3.15 2.15 5.97
N GLN A 84 -4.37 1.60 6.16
CA GLN A 84 -4.63 0.18 5.94
C GLN A 84 -5.18 0.01 4.52
N GLN A 85 -4.60 -0.91 3.76
CA GLN A 85 -4.99 -1.20 2.38
C GLN A 85 -5.19 -2.72 2.27
N GLU A 86 -6.13 -3.12 1.43
CA GLU A 86 -6.31 -4.55 1.14
C GLU A 86 -5.36 -4.87 0.01
N ILE A 87 -4.59 -5.92 0.17
CA ILE A 87 -3.69 -6.41 -0.86
C ILE A 87 -4.00 -7.89 -1.12
N LEU A 88 -3.56 -8.39 -2.26
CA LEU A 88 -3.76 -9.78 -2.65
C LEU A 88 -2.50 -10.54 -2.31
N VAL A 89 -2.64 -11.75 -1.78
CA VAL A 89 -1.52 -12.65 -1.49
C VAL A 89 -1.92 -14.06 -2.01
N LEU A 90 -0.94 -14.96 -2.12
CA LEU A 90 -1.20 -16.34 -2.53
C LEU A 90 -1.14 -17.23 -1.30
N ARG A 91 -2.17 -18.01 -1.06
CA ARG A 91 -2.19 -18.94 0.07
C ARG A 91 -1.93 -20.33 -0.51
N ARG A 92 -1.02 -21.12 0.08
CA ARG A 92 -0.75 -22.47 -0.41
C ARG A 92 -2.02 -23.31 -0.32
N GLU A 93 -2.41 -23.92 -1.45
CA GLU A 93 -3.58 -24.78 -1.50
C GLU A 93 -3.31 -26.01 -2.36
N PRO A 94 -3.33 -27.23 -1.81
CA PRO A 94 -3.54 -27.57 -0.39
C PRO A 94 -2.41 -27.06 0.51
N PRO A 95 -2.61 -27.01 1.85
CA PRO A 95 -1.54 -26.51 2.73
C PRO A 95 -0.19 -27.17 2.49
N HIS A 96 0.89 -26.37 2.58
CA HIS A 96 2.27 -26.79 2.38
C HIS A 96 2.63 -27.03 0.92
N SER A 97 1.69 -26.84 -0.03
CA SER A 97 1.99 -27.05 -1.44
C SER A 97 3.03 -26.07 -1.94
N PRO A 98 4.11 -26.59 -2.54
CA PRO A 98 5.13 -25.68 -3.10
C PRO A 98 4.77 -25.03 -4.42
N ASN A 99 3.72 -25.50 -5.11
CA ASN A 99 3.43 -25.02 -6.46
C ASN A 99 1.98 -24.72 -6.79
N SER A 100 1.11 -24.64 -5.80
CA SER A 100 -0.31 -24.37 -6.06
C SER A 100 -0.88 -23.54 -4.98
N PHE A 101 -1.64 -22.51 -5.38
CA PHE A 101 -2.12 -21.50 -4.46
C PHE A 101 -3.53 -21.04 -4.81
N ARG A 102 -4.13 -20.33 -3.85
CA ARG A 102 -5.38 -19.65 -4.07
C ARG A 102 -5.15 -18.18 -3.73
N LEU A 103 -5.71 -17.28 -4.52
CA LEU A 103 -5.62 -15.86 -4.26
C LEU A 103 -6.44 -15.54 -2.99
N GLU A 104 -5.93 -14.61 -2.18
CA GLU A 104 -6.57 -14.26 -0.91
C GLU A 104 -6.33 -12.77 -0.62
N LYS A 105 -7.25 -12.13 0.08
CA LYS A 105 -7.10 -10.72 0.43
C LYS A 105 -6.68 -10.62 1.87
N ILE A 106 -5.72 -9.74 2.16
CA ILE A 106 -5.32 -9.43 3.52
C ILE A 106 -5.25 -7.90 3.70
N LEU A 107 -5.29 -7.42 4.93
CA LEU A 107 -5.22 -5.99 5.20
C LEU A 107 -3.81 -5.70 5.73
N VAL A 108 -3.10 -4.77 5.09
CA VAL A 108 -1.76 -4.41 5.53
C VAL A 108 -1.65 -2.90 5.72
N SER A 109 -0.72 -2.50 6.60
CA SER A 109 -0.41 -1.10 6.85
C SER A 109 0.71 -0.68 5.91
N VAL A 110 0.43 0.30 5.05
CA VAL A 110 1.38 0.74 4.02
C VAL A 110 2.08 2.09 4.27
N GLY A 111 1.79 2.70 5.40
CA GLY A 111 2.38 3.96 5.80
C GLY A 111 1.54 4.55 6.89
N CYS A 112 1.87 5.79 7.30
CA CYS A 112 1.10 6.51 8.30
C CYS A 112 0.79 7.89 7.78
N THR A 113 -0.35 8.43 8.22
CA THR A 113 -0.76 9.77 7.89
C THR A 113 -1.17 10.45 9.21
N CYS A 114 -1.29 11.78 9.21
CA CYS A 114 -1.67 12.52 10.42
C CYS A 114 -3.13 12.98 10.28
N VAL A 115 -3.98 12.63 11.24
CA VAL A 115 -5.39 13.00 11.17
C VAL A 115 -5.81 13.87 12.33
N THR A 116 -6.80 14.71 12.08
CA THR A 116 -7.40 15.53 13.11
C THR A 116 -8.48 14.65 13.70
N PRO A 117 -8.41 14.32 15.00
CA PRO A 117 -9.43 13.44 15.59
C PRO A 117 -10.85 14.01 15.55
N ILE A 118 -11.84 13.11 15.66
CA ILE A 118 -13.24 13.53 15.71
C ILE A 118 -13.48 14.12 17.11
N VAL A 119 -14.04 15.35 17.20
CA VAL A 119 -14.27 16.05 18.47
C VAL A 119 -15.62 15.73 19.15
N PRO B 10 12.30 -20.26 -15.08
CA PRO B 10 10.87 -20.16 -14.71
C PRO B 10 10.49 -21.00 -13.48
N ARG B 11 9.79 -20.40 -12.53
CA ARG B 11 9.28 -21.10 -11.36
C ARG B 11 7.76 -21.01 -11.54
N THR B 12 7.20 -21.94 -12.33
CA THR B 12 5.78 -21.91 -12.65
C THR B 12 4.93 -22.60 -11.58
N VAL B 13 3.92 -21.88 -11.11
CA VAL B 13 2.97 -22.37 -10.11
C VAL B 13 1.54 -22.16 -10.65
N MET B 14 0.59 -22.87 -10.06
CA MET B 14 -0.80 -22.71 -10.43
C MET B 14 -1.45 -21.82 -9.38
N VAL B 15 -2.25 -20.86 -9.82
CA VAL B 15 -2.97 -19.99 -8.92
C VAL B 15 -4.47 -20.02 -9.28
N ASN B 16 -5.33 -20.32 -8.31
CA ASN B 16 -6.78 -20.25 -8.49
C ASN B 16 -7.14 -18.79 -8.11
N LEU B 17 -7.60 -17.98 -9.08
CA LEU B 17 -7.95 -16.57 -8.86
C LEU B 17 -9.27 -16.36 -8.10
N ASN B 18 -10.04 -17.44 -7.82
CA ASN B 18 -11.31 -17.32 -7.10
C ASN B 18 -11.07 -17.13 -5.62
N ILE B 19 -11.19 -15.91 -5.12
CA ILE B 19 -10.98 -15.62 -3.71
C ILE B 19 -12.12 -16.23 -2.87
N HIS B 20 -11.80 -16.89 -1.74
CA HIS B 20 -12.83 -17.48 -0.88
C HIS B 20 -13.48 -16.43 0.01
N SER B 31 -13.10 3.79 7.37
CA SER B 31 -11.64 3.73 7.21
C SER B 31 -11.15 4.71 6.14
N SER B 32 -11.64 4.60 4.88
CA SER B 32 -11.27 5.50 3.78
C SER B 32 -11.79 6.93 4.02
N ASP B 33 -12.96 7.04 4.65
CA ASP B 33 -13.60 8.30 5.03
C ASP B 33 -12.94 8.92 6.30
N TYR B 34 -12.18 8.10 7.05
CA TYR B 34 -11.41 8.57 8.19
C TYR B 34 -10.16 9.28 7.61
N TYR B 35 -9.55 8.76 6.50
CA TYR B 35 -8.39 9.45 5.92
C TYR B 35 -8.75 10.81 5.30
N ASN B 36 -10.06 11.16 5.22
CA ASN B 36 -10.49 12.49 4.77
C ASN B 36 -10.01 13.56 5.77
N ARG B 37 -9.81 13.18 7.06
CA ARG B 37 -9.35 14.07 8.13
C ARG B 37 -7.81 14.25 8.14
N SER B 38 -7.10 13.68 7.15
CA SER B 38 -5.65 13.78 7.04
C SER B 38 -5.21 15.21 6.76
N THR B 39 -4.08 15.62 7.35
CA THR B 39 -3.49 16.91 7.02
C THR B 39 -2.91 16.87 5.57
N SER B 40 -2.77 15.70 4.96
CA SER B 40 -2.30 15.56 3.60
C SER B 40 -3.32 14.65 2.92
N PRO B 41 -4.55 15.15 2.67
CA PRO B 41 -5.57 14.31 2.08
C PRO B 41 -5.30 13.95 0.63
N TRP B 42 -5.93 12.88 0.17
CA TRP B 42 -5.75 12.42 -1.20
C TRP B 42 -7.03 11.95 -1.82
N ASN B 43 -7.05 11.90 -3.14
CA ASN B 43 -8.17 11.34 -3.90
C ASN B 43 -7.65 10.07 -4.61
N LEU B 44 -8.57 9.23 -5.09
CA LEU B 44 -8.18 8.01 -5.79
C LEU B 44 -8.30 8.17 -7.28
N HIS B 45 -7.30 7.69 -8.00
CA HIS B 45 -7.22 7.76 -9.44
C HIS B 45 -7.21 6.33 -10.00
N ARG B 46 -8.10 6.05 -10.95
CA ARG B 46 -8.23 4.74 -11.58
C ARG B 46 -7.10 4.51 -12.57
N ASN B 47 -6.34 3.46 -12.34
CA ASN B 47 -5.27 3.08 -13.22
C ASN B 47 -5.70 1.73 -13.82
N GLU B 48 -5.82 1.69 -15.13
CA GLU B 48 -6.27 0.48 -15.80
C GLU B 48 -5.28 -0.03 -16.84
N ASP B 49 -5.00 -1.33 -16.78
CA ASP B 49 -4.08 -1.97 -17.71
C ASP B 49 -4.63 -3.37 -18.00
N PRO B 50 -5.15 -3.59 -19.22
CA PRO B 50 -5.70 -4.92 -19.56
C PRO B 50 -4.68 -6.05 -19.68
N GLU B 51 -3.39 -5.71 -19.74
CA GLU B 51 -2.31 -6.70 -19.79
C GLU B 51 -1.80 -7.09 -18.38
N ARG B 52 -2.44 -6.58 -17.33
CA ARG B 52 -2.02 -6.79 -15.96
C ARG B 52 -3.14 -7.36 -15.11
N TYR B 53 -2.78 -8.11 -14.06
CA TYR B 53 -3.71 -8.58 -13.06
C TYR B 53 -3.10 -8.14 -11.69
N PRO B 54 -3.83 -7.40 -10.85
CA PRO B 54 -5.17 -6.80 -11.09
C PRO B 54 -5.13 -5.73 -12.17
N SER B 55 -6.12 -5.72 -13.08
CA SER B 55 -6.16 -4.75 -14.16
C SER B 55 -6.44 -3.35 -13.62
N VAL B 56 -7.25 -3.23 -12.56
CA VAL B 56 -7.55 -1.93 -11.99
C VAL B 56 -6.85 -1.73 -10.67
N ILE B 57 -6.10 -0.66 -10.58
CA ILE B 57 -5.41 -0.28 -9.37
C ILE B 57 -5.77 1.18 -9.06
N TRP B 58 -6.25 1.45 -7.85
CA TRP B 58 -6.61 2.80 -7.41
C TRP B 58 -5.39 3.41 -6.78
N GLU B 59 -4.89 4.47 -7.39
CA GLU B 59 -3.69 5.19 -7.03
C GLU B 59 -4.01 6.52 -6.31
N ALA B 60 -3.37 6.81 -5.15
CA ALA B 60 -3.60 8.05 -4.41
C ALA B 60 -2.94 9.27 -5.05
N LYS B 61 -3.67 10.37 -5.18
CA LYS B 61 -3.11 11.62 -5.66
C LYS B 61 -3.36 12.62 -4.54
N CYS B 62 -2.29 13.26 -4.03
CA CYS B 62 -2.40 14.28 -2.97
C CYS B 62 -3.31 15.42 -3.45
N ARG B 63 -4.29 15.86 -2.63
CA ARG B 63 -5.19 16.94 -3.05
C ARG B 63 -4.48 18.28 -3.09
N HIS B 64 -3.48 18.49 -2.21
CA HIS B 64 -2.80 19.78 -2.13
C HIS B 64 -1.28 19.61 -2.15
N LEU B 65 -0.57 20.70 -2.51
CA LEU B 65 0.89 20.77 -2.44
C LEU B 65 1.30 20.95 -0.96
N GLY B 66 0.53 21.72 -0.21
CA GLY B 66 0.78 21.91 1.21
C GLY B 66 -0.03 20.98 2.09
N CYS B 67 0.03 21.18 3.42
CA CYS B 67 -0.72 20.39 4.37
C CYS B 67 -1.80 21.24 5.02
N ILE B 68 -2.87 20.61 5.48
CA ILE B 68 -3.95 21.32 6.14
C ILE B 68 -3.48 21.61 7.55
N ASN B 69 -3.48 22.89 7.95
CA ASN B 69 -3.03 23.31 9.29
C ASN B 69 -4.19 23.27 10.31
N ALA B 70 -3.94 23.71 11.57
CA ALA B 70 -4.89 23.74 12.67
C ALA B 70 -6.13 24.56 12.34
N ASP B 71 -5.98 25.62 11.52
CA ASP B 71 -7.11 26.43 11.12
C ASP B 71 -8.01 25.80 10.05
N GLY B 72 -7.61 24.66 9.50
CA GLY B 72 -8.31 24.01 8.40
C GLY B 72 -7.89 24.57 7.06
N ASN B 73 -6.83 25.41 7.00
CA ASN B 73 -6.38 26.00 5.75
C ASN B 73 -5.13 25.29 5.20
N VAL B 74 -4.95 25.24 3.87
CA VAL B 74 -3.74 24.67 3.26
C VAL B 74 -2.57 25.63 3.56
N ASP B 75 -1.51 25.12 4.19
CA ASP B 75 -0.29 25.78 4.66
C ASP B 75 0.89 25.23 3.82
N TYR B 76 1.58 26.12 3.11
CA TYR B 76 2.70 25.73 2.28
C TYR B 76 4.04 25.62 3.00
N HIS B 77 4.08 25.82 4.33
CA HIS B 77 5.30 25.59 5.11
C HIS B 77 5.62 24.08 5.23
N MET B 78 4.63 23.21 4.98
CA MET B 78 4.74 21.76 4.98
C MET B 78 4.33 21.23 3.58
N ASN B 79 4.70 20.00 3.22
CA ASN B 79 4.32 19.43 1.92
C ASN B 79 3.59 18.10 2.03
N SER B 80 2.53 17.91 1.23
CA SER B 80 1.86 16.62 1.14
C SER B 80 2.67 15.85 0.11
N VAL B 81 3.07 14.62 0.44
CA VAL B 81 3.82 13.79 -0.50
C VAL B 81 3.16 12.43 -0.62
N PRO B 82 3.11 11.87 -1.84
CA PRO B 82 2.54 10.52 -1.97
C PRO B 82 3.48 9.48 -1.37
N ILE B 83 2.92 8.46 -0.73
CA ILE B 83 3.69 7.34 -0.21
C ILE B 83 3.75 6.30 -1.35
N GLN B 84 4.93 6.05 -1.88
CA GLN B 84 5.09 5.10 -2.96
C GLN B 84 5.49 3.76 -2.36
N GLN B 85 4.87 2.72 -2.86
CA GLN B 85 5.18 1.38 -2.43
C GLN B 85 5.46 0.51 -3.63
N GLU B 86 6.36 -0.46 -3.45
CA GLU B 86 6.58 -1.46 -4.47
C GLU B 86 5.45 -2.45 -4.34
N ILE B 87 4.85 -2.79 -5.46
CA ILE B 87 3.72 -3.71 -5.52
C ILE B 87 4.00 -4.76 -6.59
N LEU B 88 3.72 -6.04 -6.28
CA LEU B 88 3.88 -7.09 -7.26
C LEU B 88 2.57 -7.18 -8.04
N VAL B 89 2.65 -7.31 -9.36
CA VAL B 89 1.48 -7.49 -10.21
C VAL B 89 1.78 -8.68 -11.17
N LEU B 90 0.75 -9.20 -11.84
CA LEU B 90 0.94 -10.27 -12.83
C LEU B 90 0.86 -9.65 -14.20
N ARG B 91 1.85 -9.87 -15.04
CA ARG B 91 1.87 -9.36 -16.40
C ARG B 91 1.54 -10.55 -17.30
N ARG B 92 0.57 -10.42 -18.23
CA ARG B 92 0.23 -11.56 -19.11
C ARG B 92 1.45 -11.92 -19.94
N GLU B 93 1.86 -13.20 -19.89
CA GLU B 93 3.01 -13.72 -20.62
C GLU B 93 2.66 -15.06 -21.24
N PRO B 94 2.67 -15.19 -22.58
CA PRO B 94 2.93 -14.15 -23.59
C PRO B 94 1.86 -13.05 -23.57
N PRO B 95 2.10 -11.89 -24.21
CA PRO B 95 1.09 -10.82 -24.19
C PRO B 95 -0.29 -11.30 -24.64
N HIS B 96 -1.34 -10.78 -24.00
CA HIS B 96 -2.74 -11.11 -24.29
C HIS B 96 -3.14 -12.51 -23.81
N SER B 97 -2.25 -13.24 -23.12
CA SER B 97 -2.61 -14.55 -22.60
C SER B 97 -3.64 -14.41 -21.48
N PRO B 98 -4.77 -15.12 -21.61
CA PRO B 98 -5.78 -15.07 -20.54
C PRO B 98 -5.45 -15.90 -19.30
N ASN B 99 -4.45 -16.79 -19.36
CA ASN B 99 -4.21 -17.73 -18.27
C ASN B 99 -2.76 -17.97 -17.87
N SER B 100 -1.84 -17.12 -18.29
CA SER B 100 -0.43 -17.30 -17.95
C SER B 100 0.22 -15.96 -17.77
N PHE B 101 1.01 -15.84 -16.71
CA PHE B 101 1.57 -14.58 -16.29
C PHE B 101 2.97 -14.70 -15.75
N ARG B 102 3.65 -13.54 -15.65
CA ARG B 102 4.93 -13.43 -15.00
C ARG B 102 4.78 -12.37 -13.92
N LEU B 103 5.35 -12.61 -12.76
CA LEU B 103 5.34 -11.64 -11.67
C LEU B 103 6.23 -10.42 -12.04
N GLU B 104 5.79 -9.24 -11.68
CA GLU B 104 6.49 -8.01 -12.04
C GLU B 104 6.34 -6.97 -10.91
N LYS B 105 7.36 -6.11 -10.71
CA LYS B 105 7.29 -5.08 -9.69
C LYS B 105 6.94 -3.75 -10.30
N ILE B 106 5.99 -3.03 -9.70
CA ILE B 106 5.66 -1.68 -10.13
C ILE B 106 5.62 -0.77 -8.88
N LEU B 107 5.58 0.56 -9.07
CA LEU B 107 5.49 1.50 -7.94
C LEU B 107 4.10 2.07 -7.93
N VAL B 108 3.38 1.98 -6.80
CA VAL B 108 2.02 2.50 -6.66
C VAL B 108 1.94 3.50 -5.50
N SER B 109 1.19 4.62 -5.66
CA SER B 109 0.95 5.59 -4.60
C SER B 109 -0.20 5.10 -3.75
N VAL B 110 0.05 4.81 -2.47
CA VAL B 110 -0.95 4.21 -1.57
C VAL B 110 -1.57 5.16 -0.55
N GLY B 111 -1.17 6.41 -0.59
CA GLY B 111 -1.67 7.43 0.31
C GLY B 111 -0.74 8.63 0.26
N CYS B 112 -1.00 9.60 1.14
CA CYS B 112 -0.16 10.78 1.25
C CYS B 112 0.18 11.01 2.71
N THR B 113 1.36 11.56 2.94
CA THR B 113 1.83 11.93 4.27
C THR B 113 2.29 13.40 4.21
N CYS B 114 2.46 14.05 5.37
CA CYS B 114 2.88 15.43 5.42
C CYS B 114 4.33 15.49 5.87
N VAL B 115 5.20 16.14 5.09
CA VAL B 115 6.61 16.22 5.44
C VAL B 115 7.07 17.66 5.66
N THR B 116 8.07 17.81 6.51
CA THR B 116 8.70 19.09 6.74
C THR B 116 9.76 19.19 5.66
N PRO B 117 9.68 20.20 4.78
CA PRO B 117 10.68 20.31 3.70
C PRO B 117 12.14 20.44 4.15
#